data_2XZ7
#
_entry.id   2XZ7
#
_cell.length_a   83.499
_cell.length_b   92.125
_cell.length_c   47.069
_cell.angle_alpha   90.00
_cell.angle_beta   90.00
_cell.angle_gamma   90.00
#
_symmetry.space_group_name_H-M   'P 21 21 2'
#
loop_
_entity.id
_entity.type
_entity.pdbx_description
1 polymer 'PHOSPHOENOLPYRUVATE-PROTEIN KINASE (PTS SYSTEM EI COMPONENT IN BACTERIA)'
2 non-polymer PHOSPHOENOLPYRUVATE
3 non-polymer 'MAGNESIUM ION'
4 water water
#
_entity_poly.entity_id   1
_entity_poly.type   'polypeptide(L)'
_entity_poly.pdbx_seq_one_letter_code
;HMEGLKQLKDLPAETPDGKKVMLAANIGTPKDVASALANGAEGVGLFRTEFLYMDRNSLPSEEEQFEAYKEVVEKMGGRP
VTIRTLDIGGDKELPYLDMPKEMNPFLGYRAIRLCLDRPDIFKTQLRAILRASAYGNVQIMYPMISSVEEVRKANSILEE
VKAELDREGVKYDKEIKVGIMVEIPSAAVTADILAKEVDFFSIGTNDLTQYTLAVDRMNEHVKEYYQPFHPAILRLVKMV
IDAAHKEGKFAAMCGEMAGDPLAAVILLGLGLDEFSMSATSIPEIKNIIRNVEYEKAKEIAEKALNMSEAREIEKMMKDV
IKDIG
;
_entity_poly.pdbx_strand_id   A
#
# COMPACT_ATOMS: atom_id res chain seq x y z
N HIS A 1 3.79 -27.13 11.26
CA HIS A 1 2.94 -26.42 12.21
C HIS A 1 1.84 -25.66 11.48
N MET A 2 1.40 -26.20 10.35
CA MET A 2 0.29 -25.61 9.61
C MET A 2 -0.97 -25.64 10.46
N GLU A 3 -1.75 -24.56 10.41
CA GLU A 3 -3.00 -24.48 11.17
C GLU A 3 -4.18 -24.34 10.22
N GLY A 4 -5.37 -24.69 10.72
CA GLY A 4 -6.61 -24.45 9.98
C GLY A 4 -7.06 -23.01 10.14
N LEU A 5 -7.99 -22.60 9.28
CA LEU A 5 -8.45 -21.22 9.25
C LEU A 5 -9.02 -20.75 10.60
N LYS A 6 -9.85 -21.58 11.22
CA LYS A 6 -10.49 -21.21 12.47
C LYS A 6 -9.45 -20.93 13.55
N GLN A 7 -8.43 -21.77 13.63
CA GLN A 7 -7.36 -21.60 14.61
C GLN A 7 -6.45 -20.43 14.25
N LEU A 8 -6.20 -20.25 12.96
CA LEU A 8 -5.27 -19.21 12.49
C LEU A 8 -5.76 -17.79 12.73
N LYS A 9 -7.06 -17.59 12.65
CA LYS A 9 -7.64 -16.24 12.71
CA LYS A 9 -7.64 -16.24 12.71
C LYS A 9 -7.05 -15.38 13.82
N ASP A 10 -7.04 -15.91 15.04
CA ASP A 10 -6.57 -15.16 16.19
C ASP A 10 -5.06 -15.26 16.44
N LEU A 11 -4.38 -16.13 15.69
CA LEU A 11 -2.94 -16.31 15.86
C LEU A 11 -2.16 -15.21 15.15
N PRO A 12 -0.98 -14.85 15.69
CA PRO A 12 -0.15 -13.83 15.07
C PRO A 12 0.68 -14.39 13.93
N ALA A 13 1.02 -13.55 12.96
CA ALA A 13 1.97 -13.94 11.92
C ALA A 13 3.38 -13.84 12.49
N GLU A 14 3.77 -14.87 13.23
CA GLU A 14 5.04 -14.87 13.95
C GLU A 14 5.82 -16.14 13.65
N THR A 15 7.09 -15.96 13.31
CA THR A 15 7.97 -17.09 13.01
C THR A 15 8.20 -17.89 14.29
N PRO A 16 8.59 -19.18 14.14
CA PRO A 16 8.85 -20.01 15.32
C PRO A 16 9.96 -19.42 16.19
N ASP A 17 10.80 -18.57 15.61
CA ASP A 17 11.87 -17.94 16.38
C ASP A 17 11.57 -16.49 16.77
N GLY A 18 10.29 -16.11 16.68
CA GLY A 18 9.82 -14.89 17.32
C GLY A 18 9.75 -13.61 16.51
N LYS A 19 9.93 -13.69 15.19
CA LYS A 19 9.79 -12.52 14.35
C LYS A 19 8.34 -12.30 13.97
N LYS A 20 7.78 -11.16 14.36
CA LYS A 20 6.38 -10.86 14.09
C LYS A 20 6.27 -9.86 12.96
N VAL A 21 5.31 -10.07 12.06
CA VAL A 21 4.98 -9.08 11.04
C VAL A 21 3.47 -8.81 11.08
N MET A 22 3.05 -7.70 10.48
CA MET A 22 1.64 -7.36 10.44
C MET A 22 1.02 -7.82 9.12
N LEU A 23 -0.13 -8.47 9.22
CA LEU A 23 -0.89 -8.83 8.03
C LEU A 23 -2.17 -8.00 7.98
N ALA A 24 -2.32 -7.23 6.92
CA ALA A 24 -3.44 -6.31 6.78
C ALA A 24 -4.18 -6.55 5.47
N ALA A 25 -5.33 -5.90 5.34
CA ALA A 25 -6.19 -6.11 4.18
C ALA A 25 -6.17 -4.93 3.23
N ASN A 26 -6.25 -5.22 1.94
CA ASN A 26 -6.56 -4.22 0.92
C ASN A 26 -8.07 -4.20 0.72
N ILE A 27 -8.69 -3.02 0.75
CA ILE A 27 -10.12 -2.93 0.50
C ILE A 27 -10.42 -1.82 -0.50
N GLY A 28 -11.56 -1.92 -1.15
CA GLY A 28 -11.98 -0.94 -2.13
C GLY A 28 -13.36 -0.36 -1.85
N THR A 29 -13.96 -0.80 -0.75
CA THR A 29 -15.26 -0.32 -0.32
C THR A 29 -15.49 -0.73 1.13
N PRO A 30 -16.31 0.04 1.87
CA PRO A 30 -16.56 -0.31 3.28
C PRO A 30 -17.10 -1.73 3.43
N LYS A 31 -17.80 -2.23 2.41
CA LYS A 31 -18.35 -3.58 2.44
C LYS A 31 -17.29 -4.67 2.58
N ASP A 32 -16.04 -4.34 2.26
CA ASP A 32 -14.95 -5.31 2.29
C ASP A 32 -14.45 -5.60 3.70
N VAL A 33 -14.85 -4.77 4.66
CA VAL A 33 -14.33 -4.88 6.02
C VAL A 33 -14.66 -6.22 6.69
N ALA A 34 -15.90 -6.68 6.53
CA ALA A 34 -16.34 -7.91 7.18
C ALA A 34 -15.41 -9.06 6.84
N SER A 35 -15.12 -9.22 5.55
CA SER A 35 -14.24 -10.28 5.10
CA SER A 35 -14.24 -10.27 5.09
C SER A 35 -12.82 -10.10 5.62
N ALA A 36 -12.35 -8.86 5.65
CA ALA A 36 -11.03 -8.57 6.18
C ALA A 36 -10.90 -9.04 7.62
N LEU A 37 -11.88 -8.70 8.44
CA LEU A 37 -11.86 -9.12 9.84
C LEU A 37 -12.01 -10.64 9.98
N ALA A 38 -12.90 -11.22 9.17
CA ALA A 38 -13.12 -12.66 9.21
C ALA A 38 -11.84 -13.45 8.93
N ASN A 39 -10.92 -12.84 8.18
CA ASN A 39 -9.67 -13.48 7.82
C ASN A 39 -8.51 -13.09 8.75
N GLY A 40 -8.83 -12.34 9.81
CA GLY A 40 -7.84 -11.99 10.80
C GLY A 40 -7.00 -10.77 10.47
N ALA A 41 -7.51 -9.91 9.59
CA ALA A 41 -6.77 -8.70 9.23
C ALA A 41 -6.45 -7.90 10.48
N GLU A 42 -5.21 -7.42 10.58
CA GLU A 42 -4.77 -6.66 11.74
C GLU A 42 -4.82 -5.17 11.44
N GLY A 43 -5.41 -4.83 10.31
CA GLY A 43 -5.55 -3.45 9.88
C GLY A 43 -5.91 -3.41 8.41
N VAL A 44 -6.08 -2.21 7.88
CA VAL A 44 -6.26 -2.02 6.45
C VAL A 44 -5.02 -1.30 5.92
N GLY A 45 -4.19 -2.04 5.19
CA GLY A 45 -2.95 -1.50 4.64
C GLY A 45 -3.18 -0.67 3.40
N LEU A 46 -4.35 -0.81 2.80
CA LEU A 46 -4.70 -0.02 1.63
C LEU A 46 -6.21 0.11 1.48
N PHE A 47 -6.72 1.31 1.70
CA PHE A 47 -8.11 1.63 1.41
C PHE A 47 -8.12 2.40 0.11
N ARG A 48 -8.40 1.72 -0.99
CA ARG A 48 -8.54 2.36 -2.29
C ARG A 48 -9.81 3.20 -2.26
N THR A 49 -9.71 4.48 -2.58
CA THR A 49 -10.87 5.37 -2.43
C THR A 49 -11.57 5.72 -3.73
N GLU A 50 -11.15 5.12 -4.84
CA GLU A 50 -11.74 5.45 -6.14
C GLU A 50 -13.23 5.14 -6.21
N PHE A 51 -13.71 4.23 -5.37
CA PHE A 51 -15.12 3.86 -5.40
C PHE A 51 -16.02 5.07 -5.18
N LEU A 52 -15.49 6.07 -4.46
CA LEU A 52 -16.28 7.26 -4.16
C LEU A 52 -16.38 8.20 -5.35
N TYR A 53 -15.54 7.97 -6.35
CA TYR A 53 -15.44 8.88 -7.49
C TYR A 53 -16.01 8.27 -8.77
N MET A 54 -16.17 6.95 -8.78
CA MET A 54 -16.61 6.24 -9.98
C MET A 54 -18.12 6.26 -10.18
N ASP A 55 -18.54 6.10 -11.44
CA ASP A 55 -19.95 5.91 -11.77
C ASP A 55 -20.86 6.93 -11.10
N ARG A 56 -20.52 8.21 -11.27
CA ARG A 56 -21.34 9.28 -10.73
C ARG A 56 -21.09 10.55 -11.53
N ASN A 57 -22.00 11.51 -11.43
CA ASN A 57 -21.95 12.70 -12.25
C ASN A 57 -21.43 13.94 -11.54
N SER A 58 -21.04 13.79 -10.28
CA SER A 58 -20.38 14.87 -9.56
C SER A 58 -19.43 14.33 -8.51
N LEU A 59 -18.50 15.18 -8.08
CA LEU A 59 -17.54 14.81 -7.05
C LEU A 59 -18.24 14.36 -5.77
N PRO A 60 -17.64 13.40 -5.06
CA PRO A 60 -18.20 13.01 -3.76
C PRO A 60 -18.00 14.13 -2.76
N SER A 61 -19.07 14.49 -2.05
CA SER A 61 -19.00 15.57 -1.08
C SER A 61 -18.11 15.17 0.09
N GLU A 62 -17.67 16.16 0.85
CA GLU A 62 -16.87 15.88 2.03
C GLU A 62 -17.63 14.98 2.98
N GLU A 63 -18.94 15.20 3.09
CA GLU A 63 -19.75 14.43 4.02
C GLU A 63 -19.83 12.97 3.62
N GLU A 64 -20.12 12.72 2.35
CA GLU A 64 -20.23 11.36 1.85
C GLU A 64 -18.92 10.60 2.05
N GLN A 65 -17.82 11.24 1.71
CA GLN A 65 -16.50 10.64 1.92
C GLN A 65 -16.30 10.36 3.40
N PHE A 66 -16.55 11.37 4.23
CA PHE A 66 -16.38 11.23 5.67
C PHE A 66 -17.14 10.03 6.22
N GLU A 67 -18.41 9.91 5.86
CA GLU A 67 -19.23 8.79 6.34
CA GLU A 67 -19.22 8.79 6.35
C GLU A 67 -18.62 7.45 5.95
N ALA A 68 -18.13 7.36 4.71
CA ALA A 68 -17.52 6.13 4.24
C ALA A 68 -16.24 5.82 5.02
N TYR A 69 -15.37 6.81 5.16
CA TYR A 69 -14.11 6.63 5.90
C TYR A 69 -14.38 6.27 7.36
N LYS A 70 -15.29 7.00 7.98
CA LYS A 70 -15.63 6.77 9.38
C LYS A 70 -16.12 5.34 9.61
N GLU A 71 -17.00 4.87 8.73
CA GLU A 71 -17.55 3.53 8.87
C GLU A 71 -16.44 2.48 8.94
N VAL A 72 -15.50 2.56 8.01
CA VAL A 72 -14.38 1.61 7.97
C VAL A 72 -13.49 1.73 9.20
N VAL A 73 -13.15 2.96 9.56
CA VAL A 73 -12.30 3.21 10.71
C VAL A 73 -12.94 2.69 12.00
N GLU A 74 -14.24 2.92 12.16
CA GLU A 74 -14.97 2.43 13.33
C GLU A 74 -14.94 0.91 13.40
N LYS A 75 -15.31 0.27 12.30
CA LYS A 75 -15.43 -1.18 12.26
C LYS A 75 -14.09 -1.86 12.51
N MET A 76 -13.00 -1.20 12.14
CA MET A 76 -11.68 -1.79 12.35
C MET A 76 -11.24 -1.67 13.80
N GLY A 77 -12.03 -0.96 14.59
CA GLY A 77 -11.84 -0.88 16.03
C GLY A 77 -10.42 -0.76 16.53
N GLY A 78 -9.76 0.36 16.21
CA GLY A 78 -8.43 0.62 16.73
C GLY A 78 -7.30 0.20 15.82
N ARG A 79 -7.55 -0.79 14.97
CA ARG A 79 -6.58 -1.22 13.98
C ARG A 79 -6.32 -0.10 12.98
N PRO A 80 -5.06 0.04 12.52
CA PRO A 80 -4.71 1.13 11.61
C PRO A 80 -5.38 0.97 10.24
N VAL A 81 -5.94 2.07 9.73
CA VAL A 81 -6.55 2.08 8.41
C VAL A 81 -5.84 3.11 7.54
N THR A 82 -5.10 2.61 6.55
CA THR A 82 -4.32 3.48 5.68
C THR A 82 -5.13 3.84 4.45
N ILE A 83 -5.51 5.12 4.36
CA ILE A 83 -6.37 5.58 3.28
C ILE A 83 -5.53 6.22 2.17
N ARG A 84 -5.61 5.66 0.97
CA ARG A 84 -4.87 6.20 -0.16
C ARG A 84 -5.69 7.30 -0.83
N THR A 85 -5.08 8.46 -1.01
CA THR A 85 -5.80 9.56 -1.64
C THR A 85 -6.05 9.26 -3.12
N LEU A 86 -6.89 10.06 -3.75
CA LEU A 86 -7.37 9.79 -5.10
C LEU A 86 -6.26 9.36 -6.06
N ASP A 87 -6.45 8.20 -6.69
CA ASP A 87 -5.47 7.65 -7.61
C ASP A 87 -6.20 7.28 -8.88
N ILE A 88 -6.43 8.27 -9.73
CA ILE A 88 -7.19 8.06 -10.94
C ILE A 88 -6.66 8.96 -12.05
N GLY A 89 -6.85 8.54 -13.30
CA GLY A 89 -6.36 9.28 -14.44
C GLY A 89 -7.39 9.32 -15.55
N GLY A 90 -6.97 9.76 -16.74
CA GLY A 90 -7.87 9.96 -17.85
C GLY A 90 -8.36 8.67 -18.49
N ASP A 91 -7.75 7.56 -18.13
CA ASP A 91 -8.16 6.27 -18.68
C ASP A 91 -9.51 5.84 -18.13
N LYS A 92 -9.91 6.44 -17.01
CA LYS A 92 -11.23 6.19 -16.44
C LYS A 92 -12.14 7.34 -16.84
N GLU A 93 -13.43 7.05 -17.02
CA GLU A 93 -14.38 8.08 -17.39
C GLU A 93 -15.06 8.70 -16.16
N LEU A 94 -14.71 9.94 -15.88
CA LEU A 94 -15.36 10.69 -14.81
C LEU A 94 -16.00 11.93 -15.42
N PRO A 95 -17.33 11.89 -15.62
CA PRO A 95 -18.06 12.94 -16.34
C PRO A 95 -17.79 14.36 -15.84
N TYR A 96 -17.46 14.48 -14.55
CA TYR A 96 -17.34 15.80 -13.92
C TYR A 96 -15.92 16.37 -13.92
N LEU A 97 -14.96 15.64 -14.48
CA LEU A 97 -13.56 16.06 -14.39
C LEU A 97 -13.01 16.77 -15.62
N ASP A 98 -13.23 16.21 -16.79
CA ASP A 98 -12.65 16.75 -18.03
C ASP A 98 -11.14 16.54 -18.06
N MET A 99 -10.74 15.29 -18.30
CA MET A 99 -9.33 14.91 -18.32
C MET A 99 -8.79 14.95 -19.75
N PRO A 100 -7.51 15.32 -19.90
CA PRO A 100 -6.91 15.37 -21.23
C PRO A 100 -6.79 13.98 -21.87
N LYS A 101 -6.95 13.92 -23.18
CA LYS A 101 -6.63 12.71 -23.92
C LYS A 101 -5.13 12.59 -23.95
N GLU A 102 -4.62 11.40 -23.65
CA GLU A 102 -3.17 11.21 -23.53
C GLU A 102 -2.71 9.96 -24.28
N MET A 103 -1.52 10.03 -24.87
CA MET A 103 -0.95 8.87 -25.55
C MET A 103 -0.56 7.78 -24.55
N ASN A 104 -0.02 8.19 -23.41
CA ASN A 104 0.34 7.25 -22.35
C ASN A 104 -0.22 7.67 -20.99
N PRO A 105 -1.51 7.41 -20.76
CA PRO A 105 -2.12 7.87 -19.51
C PRO A 105 -1.38 7.38 -18.25
N PHE A 106 -0.81 6.18 -18.28
CA PHE A 106 -0.11 5.66 -17.11
C PHE A 106 1.14 6.49 -16.76
N LEU A 107 1.60 7.30 -17.71
CA LEU A 107 2.74 8.18 -17.47
C LEU A 107 2.29 9.63 -17.47
N GLY A 108 1.02 9.86 -17.17
CA GLY A 108 0.46 11.19 -17.37
C GLY A 108 -0.19 11.86 -16.18
N TYR A 109 -1.26 12.60 -16.49
CA TYR A 109 -1.93 13.48 -15.54
C TYR A 109 -2.89 12.66 -14.69
N ARG A 110 -2.41 12.18 -13.56
CA ARG A 110 -3.18 11.26 -12.74
C ARG A 110 -2.77 11.30 -11.29
N ALA A 111 -3.62 10.74 -10.43
CA ALA A 111 -3.30 10.56 -9.01
C ALA A 111 -2.87 11.85 -8.34
N ILE A 112 -1.71 11.83 -7.69
CA ILE A 112 -1.25 13.00 -6.92
C ILE A 112 -1.06 14.21 -7.84
N ARG A 113 -0.80 13.97 -9.12
CA ARG A 113 -0.61 15.07 -10.06
C ARG A 113 -1.93 15.78 -10.33
N LEU A 114 -2.99 14.98 -10.42
CA LEU A 114 -4.33 15.54 -10.55
C LEU A 114 -4.70 16.32 -9.30
N CYS A 115 -4.41 15.75 -8.13
CA CYS A 115 -4.78 16.37 -6.86
C CYS A 115 -4.05 17.68 -6.62
N LEU A 116 -2.77 17.75 -7.00
CA LEU A 116 -2.00 18.98 -6.83
C LEU A 116 -2.46 20.08 -7.79
N ASP A 117 -2.98 19.67 -8.94
CA ASP A 117 -3.48 20.65 -9.91
C ASP A 117 -4.95 20.99 -9.62
N ARG A 118 -5.60 20.14 -8.84
CA ARG A 118 -6.98 20.36 -8.43
C ARG A 118 -7.09 20.31 -6.91
N PRO A 119 -6.53 21.32 -6.23
CA PRO A 119 -6.54 21.30 -4.76
C PRO A 119 -7.95 21.33 -4.18
N ASP A 120 -8.94 21.77 -4.96
CA ASP A 120 -10.31 21.74 -4.47
C ASP A 120 -10.74 20.29 -4.20
N ILE A 121 -10.37 19.40 -5.11
CA ILE A 121 -10.67 17.98 -4.94
C ILE A 121 -9.87 17.41 -3.78
N PHE A 122 -8.58 17.74 -3.75
CA PHE A 122 -7.66 17.20 -2.75
C PHE A 122 -8.05 17.62 -1.33
N LYS A 123 -8.32 18.91 -1.13
CA LYS A 123 -8.68 19.41 0.20
C LYS A 123 -9.93 18.73 0.74
N THR A 124 -10.93 18.54 -0.11
CA THR A 124 -12.17 17.88 0.30
C THR A 124 -11.89 16.48 0.84
N GLN A 125 -11.08 15.71 0.12
CA GLN A 125 -10.76 14.36 0.54
C GLN A 125 -9.94 14.36 1.83
N LEU A 126 -8.94 15.25 1.90
CA LEU A 126 -8.10 15.32 3.09
C LEU A 126 -8.91 15.73 4.32
N ARG A 127 -9.84 16.67 4.14
CA ARG A 127 -10.71 17.08 5.24
C ARG A 127 -11.52 15.91 5.77
N ALA A 128 -12.07 15.10 4.87
CA ALA A 128 -12.88 13.95 5.24
C ALA A 128 -12.05 12.89 5.96
N ILE A 129 -10.83 12.67 5.47
CA ILE A 129 -9.94 11.71 6.12
C ILE A 129 -9.59 12.21 7.52
N LEU A 130 -9.12 13.45 7.61
CA LEU A 130 -8.78 14.04 8.90
C LEU A 130 -9.94 13.91 9.87
N ARG A 131 -11.14 14.28 9.43
CA ARG A 131 -12.30 14.20 10.30
C ARG A 131 -12.55 12.76 10.76
N ALA A 132 -12.31 11.80 9.87
CA ALA A 132 -12.49 10.40 10.23
C ALA A 132 -11.46 9.94 11.26
N SER A 133 -10.29 10.58 11.26
CA SER A 133 -9.21 10.18 12.16
C SER A 133 -9.54 10.45 13.62
N ALA A 134 -10.60 11.21 13.86
CA ALA A 134 -11.03 11.46 15.23
C ALA A 134 -11.67 10.22 15.83
N TYR A 135 -12.01 9.26 14.99
CA TYR A 135 -12.80 8.11 15.43
C TYR A 135 -12.05 6.78 15.39
N GLY A 136 -10.74 6.83 15.16
CA GLY A 136 -9.95 5.62 15.15
C GLY A 136 -8.52 5.85 14.70
N ASN A 137 -7.90 4.77 14.23
CA ASN A 137 -6.49 4.77 13.86
C ASN A 137 -6.34 4.93 12.36
N VAL A 138 -6.10 6.16 11.91
CA VAL A 138 -6.08 6.47 10.49
C VAL A 138 -4.72 6.93 10.03
N GLN A 139 -4.33 6.47 8.84
CA GLN A 139 -3.10 6.90 8.19
C GLN A 139 -3.43 7.39 6.79
N ILE A 140 -2.68 8.38 6.31
CA ILE A 140 -2.86 8.90 4.96
C ILE A 140 -1.72 8.44 4.09
N MET A 141 -2.04 8.09 2.85
CA MET A 141 -1.02 7.64 1.90
C MET A 141 -1.22 8.30 0.55
N TYR A 142 -0.16 8.94 0.05
CA TYR A 142 -0.19 9.59 -1.26
C TYR A 142 0.30 8.62 -2.33
N PRO A 143 -0.44 8.52 -3.44
CA PRO A 143 -0.04 7.63 -4.53
C PRO A 143 0.82 8.34 -5.58
N MET A 144 1.49 7.56 -6.42
CA MET A 144 2.23 8.09 -7.57
CA MET A 144 2.17 8.14 -7.58
C MET A 144 3.19 9.21 -7.19
N ILE A 145 3.93 8.99 -6.11
CA ILE A 145 4.93 9.95 -5.70
C ILE A 145 6.25 9.68 -6.43
N SER A 146 6.79 10.71 -7.08
CA SER A 146 8.06 10.57 -7.81
C SER A 146 9.19 11.29 -7.07
N SER A 147 8.85 12.21 -6.17
CA SER A 147 9.86 13.06 -5.56
C SER A 147 9.43 13.61 -4.20
N VAL A 148 10.42 13.94 -3.37
CA VAL A 148 10.14 14.50 -2.05
C VAL A 148 9.45 15.86 -2.18
N GLU A 149 9.74 16.57 -3.27
CA GLU A 149 9.11 17.86 -3.52
C GLU A 149 7.58 17.73 -3.56
N GLU A 150 7.10 16.63 -4.14
CA GLU A 150 5.65 16.39 -4.22
C GLU A 150 5.06 16.12 -2.84
N VAL A 151 5.81 15.42 -2.02
CA VAL A 151 5.37 15.14 -0.65
C VAL A 151 5.21 16.43 0.12
N ARG A 152 6.18 17.33 -0.04
CA ARG A 152 6.12 18.63 0.61
C ARG A 152 4.93 19.46 0.12
N LYS A 153 4.68 19.43 -1.19
CA LYS A 153 3.53 20.14 -1.74
C LYS A 153 2.21 19.57 -1.21
N ALA A 154 2.11 18.25 -1.16
CA ALA A 154 0.92 17.60 -0.63
C ALA A 154 0.74 17.91 0.84
N ASN A 155 1.81 17.79 1.61
CA ASN A 155 1.77 18.08 3.04
C ASN A 155 1.39 19.53 3.34
N SER A 156 1.73 20.44 2.43
N SER A 156 1.74 20.44 2.44
CA SER A 156 1.38 21.84 2.61
CA SER A 156 1.37 21.84 2.61
C SER A 156 -0.14 22.00 2.59
C SER A 156 -0.14 22.00 2.59
N ILE A 157 -0.79 21.28 1.68
CA ILE A 157 -2.24 21.31 1.58
C ILE A 157 -2.85 20.62 2.79
N LEU A 158 -2.24 19.51 3.22
CA LEU A 158 -2.70 18.84 4.44
C LEU A 158 -2.67 19.77 5.63
N GLU A 159 -1.56 20.49 5.82
CA GLU A 159 -1.46 21.42 6.94
C GLU A 159 -2.44 22.56 6.81
N GLU A 160 -2.72 22.95 5.58
CA GLU A 160 -3.72 23.99 5.32
C GLU A 160 -5.09 23.55 5.83
N VAL A 161 -5.50 22.35 5.46
CA VAL A 161 -6.80 21.85 5.90
CA VAL A 161 -6.78 21.78 5.89
C VAL A 161 -6.83 21.58 7.41
N LYS A 162 -5.71 21.13 7.97
CA LYS A 162 -5.63 20.96 9.42
C LYS A 162 -5.92 22.29 10.12
N ALA A 163 -5.32 23.36 9.60
CA ALA A 163 -5.50 24.68 10.17
C ALA A 163 -6.96 25.13 10.04
N GLU A 164 -7.59 24.77 8.93
CA GLU A 164 -9.01 25.06 8.74
C GLU A 164 -9.84 24.37 9.81
N LEU A 165 -9.60 23.08 10.02
CA LEU A 165 -10.33 22.32 11.02
C LEU A 165 -10.14 22.91 12.41
N ASP A 166 -8.91 23.33 12.71
CA ASP A 166 -8.64 23.98 13.98
C ASP A 166 -9.51 25.21 14.18
N ARG A 167 -9.58 26.07 13.16
CA ARG A 167 -10.40 27.28 13.25
C ARG A 167 -11.87 26.94 13.41
N GLU A 168 -12.31 25.85 12.80
CA GLU A 168 -13.70 25.45 12.84
C GLU A 168 -14.02 24.64 14.10
N GLY A 169 -12.98 24.34 14.88
CA GLY A 169 -13.14 23.56 16.09
C GLY A 169 -13.48 22.11 15.84
N VAL A 170 -13.09 21.60 14.68
CA VAL A 170 -13.35 20.21 14.30
C VAL A 170 -12.18 19.31 14.66
N LYS A 171 -12.49 18.18 15.30
CA LYS A 171 -11.44 17.28 15.77
C LYS A 171 -10.78 16.48 14.65
N TYR A 172 -9.51 16.20 14.82
CA TYR A 172 -8.79 15.24 13.99
C TYR A 172 -7.60 14.76 14.80
N ASP A 173 -7.00 13.65 14.38
CA ASP A 173 -5.85 13.10 15.07
C ASP A 173 -4.60 13.91 14.76
N LYS A 174 -4.15 14.70 15.74
CA LYS A 174 -2.99 15.56 15.56
C LYS A 174 -1.73 14.79 15.22
N GLU A 175 -1.71 13.51 15.58
CA GLU A 175 -0.55 12.66 15.35
C GLU A 175 -0.68 11.77 14.12
N ILE A 176 -1.69 12.04 13.30
CA ILE A 176 -1.95 11.21 12.13
C ILE A 176 -0.68 10.97 11.32
N LYS A 177 -0.44 9.71 10.99
CA LYS A 177 0.73 9.32 10.22
C LYS A 177 0.47 9.48 8.73
N VAL A 178 1.47 9.98 8.01
CA VAL A 178 1.32 10.27 6.59
C VAL A 178 2.49 9.66 5.84
N GLY A 179 2.19 8.79 4.88
CA GLY A 179 3.22 8.11 4.13
C GLY A 179 2.95 8.16 2.64
N ILE A 180 3.68 7.37 1.87
CA ILE A 180 3.51 7.38 0.43
C ILE A 180 3.51 5.98 -0.15
N MET A 181 2.85 5.83 -1.29
N MET A 181 2.84 5.82 -1.29
CA MET A 181 3.00 4.64 -2.11
CA MET A 181 2.99 4.61 -2.07
C MET A 181 4.34 4.73 -2.80
C MET A 181 4.33 4.72 -2.80
N VAL A 182 5.09 3.63 -2.81
CA VAL A 182 6.31 3.58 -3.60
C VAL A 182 6.02 2.71 -4.81
N GLU A 183 5.84 3.35 -5.95
CA GLU A 183 5.47 2.66 -7.18
C GLU A 183 6.16 3.28 -8.39
N ILE A 184 6.57 4.53 -8.27
CA ILE A 184 7.40 5.15 -9.30
C ILE A 184 8.84 4.85 -8.94
N PRO A 185 9.64 4.37 -9.90
CA PRO A 185 10.99 3.92 -9.58
C PRO A 185 11.81 4.99 -8.84
N SER A 186 11.67 6.25 -9.22
CA SER A 186 12.45 7.31 -8.59
C SER A 186 12.23 7.37 -7.07
N ALA A 187 11.03 7.02 -6.64
CA ALA A 187 10.70 7.03 -5.22
C ALA A 187 11.47 5.93 -4.48
N ALA A 188 11.66 4.80 -5.14
CA ALA A 188 12.43 3.71 -4.54
C ALA A 188 13.92 4.05 -4.53
N VAL A 189 14.41 4.58 -5.65
CA VAL A 189 15.81 4.95 -5.77
C VAL A 189 16.21 6.05 -4.77
N THR A 190 15.29 6.98 -4.50
CA THR A 190 15.56 8.02 -3.52
C THR A 190 14.78 7.82 -2.22
N ALA A 191 14.55 6.57 -1.85
CA ALA A 191 13.81 6.27 -0.62
C ALA A 191 14.52 6.84 0.60
N ASP A 192 15.84 6.93 0.56
CA ASP A 192 16.61 7.50 1.66
C ASP A 192 16.26 8.98 1.88
N ILE A 193 16.04 9.70 0.80
CA ILE A 193 15.62 11.10 0.88
C ILE A 193 14.19 11.21 1.39
N LEU A 194 13.31 10.38 0.82
CA LEU A 194 11.90 10.39 1.19
C LEU A 194 11.67 9.92 2.63
N ALA A 195 12.51 8.99 3.09
CA ALA A 195 12.32 8.37 4.41
C ALA A 195 12.39 9.40 5.53
N LYS A 196 13.14 10.47 5.30
CA LYS A 196 13.29 11.53 6.31
C LYS A 196 12.02 12.35 6.46
N GLU A 197 11.12 12.24 5.49
CA GLU A 197 9.97 13.14 5.45
C GLU A 197 8.63 12.42 5.30
N VAL A 198 8.64 11.10 5.40
CA VAL A 198 7.39 10.35 5.45
C VAL A 198 7.38 9.45 6.68
N ASP A 199 6.19 9.15 7.18
CA ASP A 199 6.06 8.32 8.36
C ASP A 199 6.22 6.85 8.03
N PHE A 200 5.97 6.49 6.78
CA PHE A 200 6.04 5.10 6.35
C PHE A 200 6.00 5.00 4.83
N PHE A 201 6.43 3.85 4.31
CA PHE A 201 6.28 3.53 2.90
C PHE A 201 5.32 2.37 2.76
N SER A 202 4.51 2.38 1.71
CA SER A 202 3.83 1.16 1.29
C SER A 202 4.22 0.91 -0.15
N ILE A 203 4.84 -0.24 -0.41
CA ILE A 203 5.35 -0.54 -1.75
C ILE A 203 4.24 -1.06 -2.64
N GLY A 204 3.97 -0.33 -3.72
CA GLY A 204 2.96 -0.72 -4.68
C GLY A 204 3.63 -1.49 -5.81
N THR A 205 3.85 -2.79 -5.60
CA THR A 205 4.61 -3.58 -6.55
C THR A 205 3.94 -3.78 -7.90
N ASN A 206 2.61 -3.66 -7.95
CA ASN A 206 1.91 -3.77 -9.22
C ASN A 206 2.45 -2.77 -10.21
N ASP A 207 2.46 -1.50 -9.81
CA ASP A 207 2.91 -0.45 -10.71
C ASP A 207 4.42 -0.22 -10.63
N LEU A 208 5.05 -0.59 -9.52
CA LEU A 208 6.50 -0.52 -9.44
C LEU A 208 7.12 -1.43 -10.50
N THR A 209 6.54 -2.61 -10.66
CA THR A 209 7.03 -3.56 -11.65
C THR A 209 6.76 -3.02 -13.06
N GLN A 210 5.57 -2.46 -13.25
CA GLN A 210 5.20 -1.87 -14.52
C GLN A 210 6.17 -0.76 -14.95
N TYR A 211 6.43 0.18 -14.05
CA TYR A 211 7.30 1.30 -14.39
C TYR A 211 8.77 0.91 -14.49
N THR A 212 9.21 0.01 -13.61
CA THR A 212 10.61 -0.36 -13.56
C THR A 212 11.03 -1.17 -14.79
N LEU A 213 10.10 -1.96 -15.31
CA LEU A 213 10.36 -2.79 -16.48
CA LEU A 213 10.35 -2.79 -16.47
C LEU A 213 9.84 -2.13 -17.76
N ALA A 214 9.15 -1.01 -17.59
CA ALA A 214 8.52 -0.31 -18.71
C ALA A 214 7.55 -1.24 -19.45
N VAL A 215 6.67 -1.89 -18.68
CA VAL A 215 5.69 -2.80 -19.25
CA VAL A 215 5.69 -2.79 -19.25
C VAL A 215 4.30 -2.55 -18.69
N ASP A 216 3.36 -2.22 -19.57
CA ASP A 216 1.97 -2.00 -19.17
C ASP A 216 1.42 -3.32 -18.67
N ARG A 217 1.03 -3.34 -17.40
CA ARG A 217 0.57 -4.58 -16.77
C ARG A 217 -0.80 -5.02 -17.25
N MET A 218 -1.34 -4.34 -18.25
CA MET A 218 -2.65 -4.69 -18.79
C MET A 218 -2.52 -5.02 -20.27
N ASN A 219 -1.33 -4.84 -20.80
CA ASN A 219 -1.07 -5.02 -22.23
C ASN A 219 -0.72 -6.47 -22.56
N GLU A 220 -1.64 -7.17 -23.20
CA GLU A 220 -1.49 -8.61 -23.45
C GLU A 220 -0.30 -8.94 -24.33
N HIS A 221 0.06 -8.01 -25.20
CA HIS A 221 1.11 -8.24 -26.19
C HIS A 221 2.50 -8.31 -25.57
N VAL A 222 2.65 -7.73 -24.38
CA VAL A 222 3.95 -7.77 -23.70
C VAL A 222 3.87 -8.38 -22.31
N LYS A 223 2.82 -9.17 -22.07
CA LYS A 223 2.59 -9.70 -20.73
C LYS A 223 3.79 -10.50 -20.20
N GLU A 224 4.54 -11.15 -21.09
CA GLU A 224 5.67 -11.96 -20.66
C GLU A 224 6.83 -11.10 -20.15
N TYR A 225 6.79 -9.81 -20.44
CA TYR A 225 7.82 -8.89 -19.99
C TYR A 225 7.50 -8.35 -18.59
N TYR A 226 6.28 -8.59 -18.12
CA TYR A 226 5.92 -8.21 -16.76
C TYR A 226 6.40 -9.29 -15.79
N GLN A 227 7.45 -8.99 -15.04
CA GLN A 227 8.10 -9.99 -14.20
C GLN A 227 8.38 -9.47 -12.80
N PRO A 228 7.45 -9.74 -11.86
CA PRO A 228 7.55 -9.27 -10.47
C PRO A 228 8.80 -9.75 -9.76
N PHE A 229 9.35 -10.89 -10.16
CA PHE A 229 10.54 -11.43 -9.49
C PHE A 229 11.83 -11.08 -10.23
N HIS A 230 11.73 -10.14 -11.16
CA HIS A 230 12.93 -9.57 -11.78
C HIS A 230 13.80 -9.05 -10.65
N PRO A 231 15.11 -9.36 -10.67
CA PRO A 231 16.02 -8.92 -9.61
C PRO A 231 15.91 -7.42 -9.33
N ALA A 232 15.61 -6.62 -10.35
CA ALA A 232 15.51 -5.17 -10.15
C ALA A 232 14.43 -4.85 -9.13
N ILE A 233 13.33 -5.60 -9.19
CA ILE A 233 12.20 -5.37 -8.27
C ILE A 233 12.58 -5.73 -6.84
N LEU A 234 13.22 -6.88 -6.67
CA LEU A 234 13.68 -7.31 -5.37
C LEU A 234 14.66 -6.29 -4.77
N ARG A 235 15.56 -5.77 -5.60
CA ARG A 235 16.52 -4.79 -5.12
C ARG A 235 15.83 -3.49 -4.70
N LEU A 236 14.85 -3.04 -5.47
CA LEU A 236 14.13 -1.81 -5.12
C LEU A 236 13.32 -2.01 -3.85
N VAL A 237 12.70 -3.18 -3.72
CA VAL A 237 11.98 -3.51 -2.50
C VAL A 237 12.93 -3.46 -1.30
N LYS A 238 14.08 -4.10 -1.42
CA LYS A 238 15.07 -4.09 -0.34
C LYS A 238 15.51 -2.66 -0.03
N MET A 239 15.70 -1.85 -1.08
CA MET A 239 16.15 -0.48 -0.89
C MET A 239 15.15 0.32 -0.07
N VAL A 240 13.87 0.14 -0.37
CA VAL A 240 12.81 0.85 0.34
C VAL A 240 12.73 0.40 1.79
N ILE A 241 12.76 -0.90 2.00
CA ILE A 241 12.70 -1.45 3.36
C ILE A 241 13.86 -0.94 4.20
N ASP A 242 15.07 -1.05 3.67
CA ASP A 242 16.26 -0.59 4.38
C ASP A 242 16.22 0.90 4.66
N ALA A 243 15.73 1.68 3.69
CA ALA A 243 15.66 3.13 3.82
C ALA A 243 14.73 3.53 4.95
N ALA A 244 13.54 2.93 4.99
CA ALA A 244 12.58 3.18 6.06
C ALA A 244 13.21 2.86 7.41
N HIS A 245 13.84 1.69 7.50
CA HIS A 245 14.42 1.24 8.76
C HIS A 245 15.58 2.10 9.23
N LYS A 246 16.36 2.63 8.30
CA LYS A 246 17.47 3.50 8.66
C LYS A 246 16.98 4.77 9.36
N GLU A 247 15.76 5.20 9.02
CA GLU A 247 15.16 6.38 9.64
C GLU A 247 14.15 6.00 10.72
N GLY A 248 14.06 4.70 11.02
CA GLY A 248 13.18 4.22 12.06
C GLY A 248 11.72 4.26 11.68
N LYS A 249 11.45 4.16 10.39
CA LYS A 249 10.09 4.11 9.87
C LYS A 249 9.71 2.68 9.47
N PHE A 250 8.46 2.48 9.10
CA PHE A 250 7.99 1.15 8.72
C PHE A 250 7.84 1.03 7.21
N ALA A 251 8.05 -0.17 6.70
CA ALA A 251 7.83 -0.46 5.29
C ALA A 251 6.72 -1.49 5.15
N ALA A 252 5.69 -1.14 4.40
CA ALA A 252 4.63 -2.07 4.07
C ALA A 252 4.67 -2.38 2.58
N MET A 253 3.89 -3.39 2.18
CA MET A 253 3.68 -3.68 0.77
C MET A 253 2.21 -4.02 0.54
N CYS A 254 1.58 -3.36 -0.42
CA CYS A 254 0.17 -3.59 -0.72
C CYS A 254 -0.04 -4.07 -2.15
N GLY A 255 1.05 -4.14 -2.92
CA GLY A 255 1.01 -4.75 -4.23
C GLY A 255 0.66 -6.21 -4.08
N GLU A 256 0.20 -6.83 -5.18
CA GLU A 256 -0.23 -8.22 -5.14
C GLU A 256 0.88 -9.17 -4.64
N MET A 257 2.13 -8.77 -4.84
CA MET A 257 3.26 -9.57 -4.36
C MET A 257 3.15 -9.92 -2.87
N ALA A 258 2.61 -9.01 -2.07
CA ALA A 258 2.49 -9.25 -0.63
C ALA A 258 1.57 -10.43 -0.31
N GLY A 259 0.65 -10.72 -1.22
CA GLY A 259 -0.28 -11.81 -1.03
C GLY A 259 0.17 -13.08 -1.74
N ASP A 260 1.34 -13.01 -2.36
CA ASP A 260 1.88 -14.12 -3.12
C ASP A 260 2.67 -15.05 -2.20
N PRO A 261 2.26 -16.32 -2.10
CA PRO A 261 2.95 -17.28 -1.23
C PRO A 261 4.42 -17.43 -1.64
N LEU A 262 4.70 -17.33 -2.93
CA LEU A 262 6.06 -17.45 -3.45
C LEU A 262 6.97 -16.34 -2.91
N ALA A 263 6.39 -15.17 -2.67
CA ALA A 263 7.18 -14.01 -2.24
C ALA A 263 7.34 -13.94 -0.72
N ALA A 264 6.41 -14.57 -0.01
CA ALA A 264 6.32 -14.43 1.45
C ALA A 264 7.66 -14.54 2.18
N VAL A 265 8.41 -15.60 1.91
CA VAL A 265 9.65 -15.83 2.64
C VAL A 265 10.72 -14.79 2.31
N ILE A 266 10.76 -14.36 1.05
CA ILE A 266 11.69 -13.31 0.66
C ILE A 266 11.36 -12.02 1.39
N LEU A 267 10.08 -11.64 1.36
CA LEU A 267 9.65 -10.41 2.01
C LEU A 267 9.91 -10.45 3.50
N LEU A 268 9.65 -11.61 4.10
CA LEU A 268 9.93 -11.81 5.52
C LEU A 268 11.41 -11.63 5.79
N GLY A 269 12.24 -12.26 4.97
CA GLY A 269 13.68 -12.20 5.13
C GLY A 269 14.28 -10.83 4.89
N LEU A 270 13.66 -10.05 4.01
CA LEU A 270 14.11 -8.69 3.75
C LEU A 270 13.72 -7.73 4.88
N GLY A 271 12.85 -8.20 5.77
CA GLY A 271 12.45 -7.42 6.92
C GLY A 271 11.23 -6.54 6.69
N LEU A 272 10.41 -6.89 5.70
CA LEU A 272 9.17 -6.18 5.48
C LEU A 272 8.34 -6.20 6.77
N ASP A 273 7.78 -5.05 7.15
CA ASP A 273 7.06 -4.92 8.41
C ASP A 273 5.59 -5.29 8.29
N GLU A 274 5.00 -4.95 7.15
CA GLU A 274 3.56 -5.08 6.96
CA GLU A 274 3.57 -5.11 6.97
C GLU A 274 3.24 -5.60 5.57
N PHE A 275 2.40 -6.64 5.52
CA PHE A 275 1.93 -7.21 4.27
C PHE A 275 0.45 -6.85 4.15
N SER A 276 0.07 -6.17 3.09
CA SER A 276 -1.35 -5.86 2.91
C SER A 276 -1.85 -6.53 1.63
N MET A 277 -3.01 -7.19 1.72
CA MET A 277 -3.46 -8.06 0.65
C MET A 277 -4.97 -8.29 0.66
N SER A 278 -5.48 -8.84 -0.44
CA SER A 278 -6.84 -9.34 -0.45
C SER A 278 -7.05 -10.20 0.78
N ALA A 279 -8.15 -9.95 1.50
CA ALA A 279 -8.38 -10.57 2.81
C ALA A 279 -8.16 -12.07 2.82
N THR A 280 -8.68 -12.75 1.80
CA THR A 280 -8.65 -14.21 1.77
C THR A 280 -7.23 -14.77 1.57
N SER A 281 -6.28 -13.90 1.26
CA SER A 281 -4.88 -14.31 1.15
C SER A 281 -4.18 -14.36 2.51
N ILE A 282 -4.76 -13.71 3.51
CA ILE A 282 -4.09 -13.57 4.81
C ILE A 282 -3.73 -14.90 5.49
N PRO A 283 -4.71 -15.82 5.60
CA PRO A 283 -4.41 -17.07 6.32
C PRO A 283 -3.27 -17.86 5.67
N GLU A 284 -3.24 -17.88 4.34
CA GLU A 284 -2.20 -18.59 3.61
C GLU A 284 -0.82 -18.02 3.90
N ILE A 285 -0.70 -16.69 3.87
CA ILE A 285 0.56 -16.04 4.15
C ILE A 285 0.94 -16.22 5.61
N LYS A 286 -0.05 -16.15 6.51
CA LYS A 286 0.20 -16.34 7.93
C LYS A 286 0.79 -17.73 8.20
N ASN A 287 0.20 -18.75 7.58
CA ASN A 287 0.70 -20.11 7.73
C ASN A 287 2.18 -20.22 7.36
N ILE A 288 2.56 -19.59 6.26
CA ILE A 288 3.94 -19.61 5.81
C ILE A 288 4.86 -18.95 6.82
N ILE A 289 4.51 -17.73 7.22
CA ILE A 289 5.29 -17.00 8.22
C ILE A 289 5.48 -17.83 9.49
N ARG A 290 4.40 -18.45 9.96
CA ARG A 290 4.45 -19.23 11.20
C ARG A 290 5.25 -20.53 11.06
N ASN A 291 5.59 -20.90 9.84
CA ASN A 291 6.27 -22.17 9.59
C ASN A 291 7.66 -22.05 9.01
N VAL A 292 8.21 -20.84 9.02
CA VAL A 292 9.58 -20.61 8.59
CA VAL A 292 9.57 -20.60 8.57
C VAL A 292 10.29 -19.70 9.57
N GLU A 293 11.48 -20.12 10.00
CA GLU A 293 12.25 -19.31 10.94
C GLU A 293 12.78 -18.06 10.25
N TYR A 294 12.80 -16.96 11.00
CA TYR A 294 13.27 -15.68 10.49
C TYR A 294 14.70 -15.80 9.96
N GLU A 295 15.55 -16.47 10.72
CA GLU A 295 16.95 -16.63 10.31
C GLU A 295 17.04 -17.38 8.99
N LYS A 296 16.19 -18.40 8.82
CA LYS A 296 16.14 -19.12 7.56
C LYS A 296 15.63 -18.23 6.43
N ALA A 297 14.62 -17.42 6.72
CA ALA A 297 14.05 -16.53 5.72
C ALA A 297 15.10 -15.52 5.23
N LYS A 298 15.90 -15.01 6.16
CA LYS A 298 16.95 -14.06 5.81
C LYS A 298 17.97 -14.70 4.87
N GLU A 299 18.32 -15.95 5.14
CA GLU A 299 19.24 -16.69 4.28
C GLU A 299 18.64 -16.83 2.87
N ILE A 300 17.35 -17.15 2.82
CA ILE A 300 16.66 -17.35 1.55
C ILE A 300 16.53 -16.05 0.77
N ALA A 301 16.20 -14.97 1.46
CA ALA A 301 16.14 -13.65 0.83
C ALA A 301 17.50 -13.27 0.26
N GLU A 302 18.55 -13.51 1.04
CA GLU A 302 19.90 -13.21 0.63
C GLU A 302 20.25 -14.00 -0.63
N LYS A 303 19.86 -15.26 -0.65
CA LYS A 303 20.09 -16.13 -1.79
C LYS A 303 19.34 -15.62 -3.03
N ALA A 304 18.10 -15.18 -2.82
CA ALA A 304 17.29 -14.64 -3.91
C ALA A 304 17.90 -13.36 -4.47
N LEU A 305 18.45 -12.53 -3.60
CA LEU A 305 19.06 -11.27 -4.01
C LEU A 305 20.36 -11.48 -4.79
N ASN A 306 20.90 -12.68 -4.72
CA ASN A 306 22.15 -12.98 -5.41
C ASN A 306 21.94 -13.67 -6.75
N MET A 307 20.69 -13.93 -7.09
CA MET A 307 20.37 -14.56 -8.38
C MET A 307 20.20 -13.51 -9.47
N SER A 308 20.31 -13.94 -10.71
CA SER A 308 20.30 -13.01 -11.84
C SER A 308 19.04 -13.07 -12.69
N GLU A 309 18.25 -14.13 -12.51
CA GLU A 309 17.08 -14.35 -13.37
C GLU A 309 15.81 -14.55 -12.54
N ALA A 310 14.74 -13.90 -12.94
CA ALA A 310 13.45 -14.08 -12.27
C ALA A 310 13.06 -15.55 -12.23
N ARG A 311 13.36 -16.26 -13.32
CA ARG A 311 13.00 -17.66 -13.46
C ARG A 311 13.61 -18.53 -12.35
N GLU A 312 14.89 -18.35 -12.09
CA GLU A 312 15.55 -19.15 -11.06
C GLU A 312 15.07 -18.76 -9.67
N ILE A 313 14.73 -17.48 -9.50
CA ILE A 313 14.16 -17.03 -8.24
C ILE A 313 12.82 -17.72 -7.99
N GLU A 314 11.96 -17.73 -9.00
CA GLU A 314 10.66 -18.38 -8.88
C GLU A 314 10.80 -19.87 -8.64
N LYS A 315 11.75 -20.50 -9.32
CA LYS A 315 11.97 -21.93 -9.12
C LYS A 315 12.40 -22.21 -7.69
N MET A 316 13.30 -21.38 -7.16
CA MET A 316 13.76 -21.55 -5.79
C MET A 316 12.60 -21.42 -4.78
N MET A 317 11.75 -20.44 -5.00
CA MET A 317 10.66 -20.17 -4.08
C MET A 317 9.57 -21.25 -4.16
N LYS A 318 9.42 -21.84 -5.34
CA LYS A 318 8.52 -22.97 -5.51
C LYS A 318 8.96 -24.10 -4.59
N ASP A 319 10.26 -24.37 -4.59
CA ASP A 319 10.82 -25.42 -3.75
C ASP A 319 10.69 -25.11 -2.26
N VAL A 320 10.95 -23.85 -1.90
CA VAL A 320 10.82 -23.43 -0.50
C VAL A 320 9.41 -23.66 0.00
N ILE A 321 8.42 -23.23 -0.78
CA ILE A 321 7.02 -23.41 -0.41
C ILE A 321 6.67 -24.90 -0.32
N LYS A 322 7.29 -25.70 -1.18
CA LYS A 322 7.07 -27.14 -1.17
C LYS A 322 7.50 -27.72 0.18
N ASP A 323 8.69 -27.35 0.63
CA ASP A 323 9.24 -27.86 1.88
C ASP A 323 8.49 -27.35 3.10
N ILE A 324 7.78 -26.24 2.92
CA ILE A 324 7.09 -25.51 4.00
C ILE A 324 7.91 -24.33 4.49
#